data_3AQX
#
_entry.id   3AQX
#
_cell.length_a   74.210
_cell.length_b   74.210
_cell.length_c   47.603
_cell.angle_alpha   90
_cell.angle_beta   90
_cell.angle_gamma   90
#
_symmetry.space_group_name_H-M   'P 41'
#
loop_
_entity.id
_entity.type
_entity.pdbx_description
1 polymer 'Beta-1,3-glucan-binding protein'
2 branched beta-D-glucopyranose-(1-3)-beta-D-glucopyranose-(1-3)-beta-D-glucopyranose-(1-3)-beta-D-glucopyranose-(1-3)-beta-D-glucopyranose-(1-3)-beta-D-glucopyranose
3 non-polymer GLYCEROL
4 water water
#
_entity_poly.entity_id   1
_entity_poly.type   'polypeptide(L)'
_entity_poly.pdbx_seq_one_letter_code
;GSYEAPPATLEAIHPKGLRVSVPDEGFSLFAFHGKLNEEMEGLEAGHWSRDITKPKNGRWIFRDRNAALKIGDKIYFWTF
VIKDGLGYRQDNGEWTVEGFVDEA
;
_entity_poly.pdbx_strand_id   A,B
#
loop_
_chem_comp.id
_chem_comp.type
_chem_comp.name
_chem_comp.formula
BGC D-saccharide, beta linking beta-D-glucopyranose 'C6 H12 O6'
GOL non-polymer GLYCEROL 'C3 H8 O3'
#
# COMPACT_ATOMS: atom_id res chain seq x y z
N SER A 2 21.02 -0.60 -7.21
CA SER A 2 20.96 0.24 -5.97
C SER A 2 19.57 0.95 -5.83
N TYR A 3 19.46 1.82 -4.83
CA TYR A 3 18.14 2.34 -4.43
C TYR A 3 17.44 3.26 -5.44
N GLU A 4 16.11 3.12 -5.54
CA GLU A 4 15.25 3.96 -6.37
C GLU A 4 14.06 4.47 -5.56
N ALA A 5 13.65 5.72 -5.79
CA ALA A 5 12.47 6.28 -5.08
C ALA A 5 11.25 5.37 -5.36
N PRO A 6 10.39 5.15 -4.34
CA PRO A 6 9.19 4.35 -4.58
C PRO A 6 8.18 5.14 -5.43
N PRO A 7 7.36 4.46 -6.27
CA PRO A 7 6.35 5.19 -7.03
C PRO A 7 5.28 5.80 -6.11
N ALA A 8 4.82 6.98 -6.49
CA ALA A 8 3.80 7.67 -5.70
C ALA A 8 2.40 7.14 -6.06
N THR A 9 1.48 7.17 -5.10
CA THR A 9 0.07 6.91 -5.36
C THR A 9 -0.68 8.26 -5.31
N LEU A 10 -1.46 8.53 -6.36
CA LEU A 10 -2.28 9.74 -6.43
C LEU A 10 -3.76 9.37 -6.44
N GLU A 11 -4.57 10.17 -5.73
CA GLU A 11 -6.03 10.01 -5.69
C GLU A 11 -6.70 11.34 -5.80
N ALA A 12 -7.75 11.39 -6.61
CA ALA A 12 -8.68 12.50 -6.61
C ALA A 12 -9.79 12.19 -5.61
N ILE A 13 -10.09 13.19 -4.80
CA ILE A 13 -11.03 13.02 -3.71
C ILE A 13 -12.36 13.65 -4.10
N HIS A 14 -13.45 12.95 -3.78
CA HIS A 14 -14.80 13.52 -3.82
C HIS A 14 -15.15 14.10 -2.43
N PRO A 15 -15.68 15.34 -2.38
CA PRO A 15 -16.08 16.20 -3.49
C PRO A 15 -14.93 16.99 -4.13
N LYS A 16 -13.84 17.21 -3.37
CA LYS A 16 -12.65 17.84 -3.92
C LYS A 16 -11.40 17.37 -3.19
N GLY A 17 -10.24 17.66 -3.76
CA GLY A 17 -8.97 17.32 -3.15
C GLY A 17 -8.10 16.43 -4.03
N LEU A 18 -6.81 16.47 -3.71
CA LEU A 18 -5.76 15.66 -4.32
C LEU A 18 -4.98 15.07 -3.15
N ARG A 19 -4.71 13.78 -3.21
CA ARG A 19 -3.86 13.20 -2.19
C ARG A 19 -2.76 12.44 -2.94
N VAL A 20 -1.50 12.62 -2.49
CA VAL A 20 -0.33 11.97 -3.07
C VAL A 20 0.49 11.39 -1.92
N SER A 21 0.91 10.13 -2.06
CA SER A 21 1.70 9.51 -0.97
C SER A 21 2.73 8.48 -1.46
N VAL A 22 3.75 8.24 -0.63
CA VAL A 22 4.73 7.17 -0.85
C VAL A 22 4.90 6.38 0.46
N PRO A 23 5.31 5.09 0.36
CA PRO A 23 5.59 4.42 1.63
C PRO A 23 6.87 4.98 2.29
N ASP A 24 6.91 5.02 3.61
CA ASP A 24 8.14 5.44 4.30
C ASP A 24 9.21 4.36 4.16
N GLU A 25 10.21 4.56 3.31
CA GLU A 25 11.31 3.60 3.24
C GLU A 25 12.56 4.10 3.96
N GLY A 26 12.34 4.82 5.07
CA GLY A 26 13.44 5.30 5.91
C GLY A 26 13.94 6.64 5.40
N PHE A 27 13.00 7.56 5.15
CA PHE A 27 13.31 8.86 4.58
C PHE A 27 13.42 9.91 5.66
N SER A 28 14.04 11.04 5.33
CA SER A 28 13.97 12.19 6.23
C SER A 28 13.07 13.27 5.65
N LEU A 29 12.67 13.11 4.39
CA LEU A 29 11.99 14.17 3.63
C LEU A 29 11.35 13.59 2.36
N PHE A 30 10.11 14.02 2.07
CA PHE A 30 9.40 13.77 0.81
C PHE A 30 8.92 15.11 0.24
N ALA A 31 9.21 15.37 -1.03
CA ALA A 31 8.69 16.57 -1.68
C ALA A 31 7.88 16.16 -2.90
N PHE A 32 6.79 16.88 -3.15
CA PHE A 32 6.00 16.65 -4.36
C PHE A 32 6.04 17.90 -5.24
N HIS A 33 6.24 17.70 -6.53
CA HIS A 33 6.30 18.82 -7.47
C HIS A 33 5.46 18.43 -8.66
N GLY A 34 4.37 19.17 -8.89
CA GLY A 34 3.40 18.76 -9.92
C GLY A 34 2.65 19.90 -10.59
N LYS A 35 2.18 19.63 -11.81
CA LYS A 35 1.34 20.56 -12.54
C LYS A 35 0.10 19.87 -13.11
N LEU A 36 -0.99 20.62 -13.23
CA LEU A 36 -2.26 20.14 -13.74
C LEU A 36 -2.39 20.47 -15.24
N ASN A 37 -2.49 19.43 -16.05
CA ASN A 37 -2.73 19.55 -17.50
C ASN A 37 -1.67 20.36 -18.25
N GLU A 38 -0.46 20.42 -17.67
CA GLU A 38 0.65 21.10 -18.30
C GLU A 38 1.92 20.32 -17.94
N GLU A 39 2.69 19.93 -18.96
CA GLU A 39 3.92 19.16 -18.76
C GLU A 39 4.98 19.86 -17.90
N MET A 40 5.73 19.06 -17.14
CA MET A 40 6.85 19.57 -16.39
C MET A 40 8.00 19.74 -17.36
N GLU A 41 8.68 20.89 -17.35
CA GLU A 41 9.87 21.09 -18.18
C GLU A 41 11.09 20.80 -17.32
N GLY A 42 11.45 19.52 -17.24
CA GLY A 42 12.45 19.06 -16.30
C GLY A 42 12.04 19.30 -14.86
N LEU A 43 13.04 19.57 -14.02
CA LEU A 43 12.83 19.67 -12.58
C LEU A 43 12.37 21.07 -12.14
N GLU A 44 11.33 21.60 -12.77
CA GLU A 44 10.75 22.88 -12.33
C GLU A 44 9.97 22.68 -11.02
N ALA A 45 9.69 23.76 -10.29
CA ALA A 45 9.03 23.66 -9.00
C ALA A 45 7.63 23.05 -9.07
N GLY A 46 6.85 23.47 -10.07
CA GLY A 46 5.48 23.01 -10.24
C GLY A 46 4.48 23.97 -9.61
N HIS A 47 3.20 23.86 -10.00
CA HIS A 47 2.08 24.54 -9.32
C HIS A 47 1.87 24.03 -7.89
N TRP A 48 1.97 22.71 -7.70
CA TRP A 48 2.08 22.12 -6.36
C TRP A 48 3.56 21.87 -6.07
N SER A 49 4.06 22.39 -4.95
CA SER A 49 5.46 22.29 -4.59
C SER A 49 5.56 22.35 -3.08
N ARG A 50 5.93 21.24 -2.44
CA ARG A 50 5.88 21.20 -0.98
C ARG A 50 6.79 20.13 -0.40
N ASP A 51 7.55 20.47 0.63
CA ASP A 51 8.33 19.51 1.42
C ASP A 51 7.43 18.97 2.54
N ILE A 52 7.44 17.65 2.70
CA ILE A 52 6.78 16.96 3.83
C ILE A 52 7.93 16.44 4.72
N THR A 53 7.86 16.73 6.01
CA THR A 53 9.01 16.50 6.89
C THR A 53 8.81 15.35 7.90
N LYS A 54 7.64 14.73 7.92
CA LYS A 54 7.46 13.50 8.74
C LYS A 54 6.42 12.61 8.12
N PRO A 55 6.57 11.28 8.30
CA PRO A 55 5.50 10.43 7.80
C PRO A 55 4.33 10.41 8.79
N LYS A 56 3.20 9.90 8.34
CA LYS A 56 2.02 9.71 9.17
C LYS A 56 1.49 8.28 8.92
N ASN A 57 1.46 7.46 9.98
CA ASN A 57 1.07 6.04 9.89
C ASN A 57 1.72 5.34 8.67
N GLY A 58 3.04 5.43 8.56
CA GLY A 58 3.78 4.63 7.58
C GLY A 58 3.97 5.21 6.18
N ARG A 59 3.32 6.35 5.90
CA ARG A 59 3.39 7.00 4.60
C ARG A 59 3.69 8.48 4.64
N TRP A 60 4.32 8.97 3.58
CA TRP A 60 4.56 10.41 3.43
C TRP A 60 3.46 10.93 2.53
N ILE A 61 2.74 11.91 3.05
CA ILE A 61 1.51 12.34 2.40
C ILE A 61 1.54 13.83 2.05
N PHE A 62 1.30 14.16 0.78
CA PHE A 62 1.01 15.52 0.37
C PHE A 62 -0.50 15.66 0.06
N ARG A 63 -1.13 16.74 0.55
CA ARG A 63 -2.52 17.04 0.27
C ARG A 63 -2.71 18.47 -0.25
N ASP A 64 -3.58 18.63 -1.25
CA ASP A 64 -4.18 19.92 -1.56
C ASP A 64 -5.66 19.66 -1.42
N ARG A 65 -6.22 20.02 -0.27
CA ARG A 65 -7.64 19.72 0.03
C ARG A 65 -8.62 20.50 -0.86
N ASN A 66 -8.10 21.45 -1.64
CA ASN A 66 -8.93 22.33 -2.44
C ASN A 66 -8.90 22.07 -3.96
N ALA A 67 -8.05 21.15 -4.42
CA ALA A 67 -7.91 20.84 -5.84
C ALA A 67 -9.20 20.21 -6.37
N ALA A 68 -9.86 20.89 -7.30
CA ALA A 68 -11.12 20.37 -7.88
C ALA A 68 -10.82 19.65 -9.21
N LEU A 69 -10.61 18.33 -9.14
CA LEU A 69 -10.19 17.56 -10.32
C LEU A 69 -11.35 16.95 -11.07
N LYS A 70 -11.09 16.62 -12.33
CA LYS A 70 -12.14 16.12 -13.23
C LYS A 70 -11.61 14.89 -13.94
N ILE A 71 -12.47 13.95 -14.35
CA ILE A 71 -11.96 12.81 -15.13
C ILE A 71 -11.14 13.32 -16.30
N GLY A 72 -10.03 12.62 -16.59
CA GLY A 72 -9.21 12.98 -17.72
C GLY A 72 -8.19 14.05 -17.44
N ASP A 73 -8.28 14.73 -16.29
CA ASP A 73 -7.20 15.65 -15.85
C ASP A 73 -5.88 14.87 -15.76
N LYS A 74 -4.80 15.45 -16.26
CA LYS A 74 -3.48 14.81 -16.10
C LYS A 74 -2.61 15.59 -15.12
N ILE A 75 -1.99 14.89 -14.18
CA ILE A 75 -0.94 15.49 -13.35
C ILE A 75 0.46 15.04 -13.79
N TYR A 76 1.25 15.99 -14.26
CA TYR A 76 2.66 15.70 -14.53
C TYR A 76 3.46 16.13 -13.30
N PHE A 77 4.32 15.25 -12.80
CA PHE A 77 4.98 15.47 -11.49
C PHE A 77 6.33 14.83 -11.38
N TRP A 78 7.06 15.22 -10.33
CA TRP A 78 8.23 14.46 -9.91
C TRP A 78 8.27 14.59 -8.39
N THR A 79 8.89 13.61 -7.74
CA THR A 79 8.98 13.61 -6.29
C THR A 79 10.44 13.57 -5.89
N PHE A 80 10.69 13.91 -4.63
CA PHE A 80 12.06 13.88 -4.12
C PHE A 80 12.00 13.27 -2.73
N VAL A 81 12.87 12.31 -2.48
CA VAL A 81 12.99 11.74 -1.14
C VAL A 81 14.44 11.79 -0.73
N ILE A 82 14.68 12.15 0.54
CA ILE A 82 16.01 12.03 1.11
C ILE A 82 16.14 10.75 1.94
N LYS A 83 17.06 9.86 1.54
CA LYS A 83 17.32 8.63 2.28
C LYS A 83 18.80 8.58 2.68
N ASP A 84 19.07 8.60 3.99
CA ASP A 84 20.43 8.62 4.53
C ASP A 84 21.26 9.76 3.94
N GLY A 85 20.69 10.96 3.93
CA GLY A 85 21.37 12.15 3.39
C GLY A 85 21.49 12.18 1.86
N LEU A 86 21.06 11.11 1.18
CA LEU A 86 21.11 11.09 -0.28
C LEU A 86 19.72 11.30 -0.92
N GLY A 87 19.70 12.02 -2.04
CA GLY A 87 18.42 12.32 -2.74
C GLY A 87 18.09 11.38 -3.90
N TYR A 88 16.79 11.10 -4.09
CA TYR A 88 16.31 10.21 -5.17
C TYR A 88 15.00 10.81 -5.67
N ARG A 89 14.72 10.66 -6.97
CA ARG A 89 13.48 11.18 -7.51
C ARG A 89 12.66 10.10 -8.17
N GLN A 90 11.34 10.24 -8.14
CA GLN A 90 10.52 9.64 -9.20
C GLN A 90 10.39 10.73 -10.25
N ASP A 91 11.03 10.50 -11.41
CA ASP A 91 11.02 11.42 -12.54
C ASP A 91 9.89 11.06 -13.53
N ASN A 92 9.47 12.06 -14.29
CA ASN A 92 8.51 11.89 -15.39
C ASN A 92 7.18 11.25 -14.96
N GLY A 93 6.76 11.58 -13.75
CA GLY A 93 5.44 11.13 -13.28
C GLY A 93 4.33 11.65 -14.19
N GLU A 94 3.36 10.78 -14.49
CA GLU A 94 2.17 11.16 -15.27
C GLU A 94 1.03 10.35 -14.70
N TRP A 95 -0.03 11.03 -14.28
CA TRP A 95 -1.19 10.36 -13.72
C TRP A 95 -2.45 10.99 -14.29
N THR A 96 -3.39 10.13 -14.70
CA THR A 96 -4.70 10.55 -15.20
C THR A 96 -5.82 10.22 -14.21
N VAL A 97 -6.63 11.22 -13.89
CA VAL A 97 -7.80 10.98 -13.09
C VAL A 97 -8.77 10.03 -13.83
N GLU A 98 -9.12 8.95 -13.15
CA GLU A 98 -10.00 7.94 -13.72
C GLU A 98 -11.26 7.73 -12.87
N GLY A 99 -11.30 8.38 -11.72
CA GLY A 99 -12.40 8.25 -10.76
C GLY A 99 -12.04 8.96 -9.46
N PHE A 100 -12.99 8.97 -8.52
CA PHE A 100 -12.85 9.68 -7.26
C PHE A 100 -12.98 8.75 -6.05
N VAL A 101 -12.37 9.17 -4.95
CA VAL A 101 -12.34 8.44 -3.67
C VAL A 101 -13.15 9.24 -2.63
N ASP A 102 -14.03 8.55 -1.90
CA ASP A 102 -14.77 9.14 -0.75
C ASP A 102 -13.94 9.08 0.55
N SER B 2 11.12 -30.49 2.14
CA SER B 2 11.06 -29.45 1.07
C SER B 2 9.67 -28.79 0.89
N TYR B 3 8.66 -29.14 1.70
CA TYR B 3 7.36 -28.44 1.59
C TYR B 3 7.54 -26.97 1.96
N GLU B 4 6.83 -26.08 1.23
CA GLU B 4 6.76 -24.65 1.56
C GLU B 4 5.30 -24.16 1.59
N ALA B 5 5.00 -23.30 2.56
CA ALA B 5 3.68 -22.67 2.67
C ALA B 5 3.28 -22.05 1.34
N PRO B 6 1.99 -22.15 0.97
CA PRO B 6 1.61 -21.52 -0.29
C PRO B 6 1.47 -20.00 -0.10
N PRO B 7 1.53 -19.21 -1.21
CA PRO B 7 1.38 -17.75 -1.11
C PRO B 7 -0.07 -17.29 -0.82
N ALA B 8 -0.21 -16.24 -0.02
CA ALA B 8 -1.56 -15.77 0.32
C ALA B 8 -2.07 -14.84 -0.78
N THR B 9 -3.40 -14.86 -0.99
CA THR B 9 -4.10 -13.87 -1.80
C THR B 9 -4.74 -12.85 -0.86
N LEU B 10 -4.43 -11.58 -1.05
CA LEU B 10 -5.02 -10.55 -0.21
C LEU B 10 -5.94 -9.72 -1.09
N GLU B 11 -7.10 -9.33 -0.54
CA GLU B 11 -8.07 -8.57 -1.31
C GLU B 11 -8.62 -7.44 -0.47
N ALA B 12 -8.62 -6.24 -1.04
CA ALA B 12 -9.31 -5.10 -0.49
C ALA B 12 -10.75 -5.20 -0.97
N ILE B 13 -11.70 -5.17 -0.04
CA ILE B 13 -13.11 -5.34 -0.38
C ILE B 13 -13.80 -3.97 -0.47
N HIS B 14 -14.67 -3.81 -1.46
CA HIS B 14 -15.59 -2.66 -1.54
C HIS B 14 -16.98 -3.10 -1.01
N PRO B 15 -17.63 -2.30 -0.12
CA PRO B 15 -17.23 -0.94 0.34
C PRO B 15 -16.13 -0.90 1.39
N LYS B 16 -16.01 -1.97 2.18
CA LYS B 16 -14.86 -2.08 3.09
C LYS B 16 -14.49 -3.52 3.39
N GLY B 17 -13.28 -3.71 3.91
CA GLY B 17 -12.87 -5.01 4.40
C GLY B 17 -11.56 -5.48 3.80
N LEU B 18 -11.03 -6.51 4.45
CA LEU B 18 -9.87 -7.19 3.99
C LEU B 18 -10.18 -8.69 4.01
N ARG B 19 -9.73 -9.39 2.97
CA ARG B 19 -9.81 -10.85 2.98
C ARG B 19 -8.45 -11.38 2.60
N VAL B 20 -7.99 -12.43 3.28
CA VAL B 20 -6.69 -13.05 3.00
C VAL B 20 -6.92 -14.55 3.03
N SER B 21 -6.41 -15.27 2.04
CA SER B 21 -6.68 -16.70 1.95
C SER B 21 -5.51 -17.43 1.32
N VAL B 22 -5.42 -18.70 1.67
CA VAL B 22 -4.49 -19.65 1.06
C VAL B 22 -5.26 -20.87 0.55
N PRO B 23 -4.72 -21.56 -0.47
CA PRO B 23 -5.37 -22.81 -0.88
C PRO B 23 -5.17 -23.86 0.22
N ASP B 24 -6.18 -24.71 0.43
CA ASP B 24 -6.05 -25.86 1.34
C ASP B 24 -5.16 -26.91 0.68
N GLU B 25 -3.94 -27.08 1.17
CA GLU B 25 -3.04 -28.13 0.68
C GLU B 25 -2.92 -29.22 1.75
N GLY B 26 -4.06 -29.53 2.39
CA GLY B 26 -4.11 -30.53 3.45
C GLY B 26 -3.73 -30.03 4.84
N PHE B 27 -4.30 -28.89 5.25
CA PHE B 27 -3.96 -28.26 6.52
C PHE B 27 -4.94 -28.61 7.64
N SER B 28 -4.51 -28.39 8.87
CA SER B 28 -5.43 -28.42 10.00
C SER B 28 -5.60 -27.02 10.62
N LEU B 29 -4.85 -26.02 10.14
CA LEU B 29 -4.94 -24.67 10.68
C LEU B 29 -4.25 -23.67 9.74
N PHE B 30 -4.79 -22.44 9.67
CA PHE B 30 -4.16 -21.33 8.95
C PHE B 30 -4.20 -20.13 9.86
N ALA B 31 -3.13 -19.35 9.90
CA ALA B 31 -3.13 -18.15 10.73
C ALA B 31 -2.50 -16.99 10.00
N PHE B 32 -3.07 -15.81 10.20
CA PHE B 32 -2.62 -14.62 9.48
C PHE B 32 -2.12 -13.61 10.50
N HIS B 33 -0.99 -12.97 10.23
CA HIS B 33 -0.36 -12.05 11.20
C HIS B 33 0.12 -10.86 10.38
N GLY B 34 -0.48 -9.69 10.57
CA GLY B 34 -0.19 -8.55 9.70
C GLY B 34 -0.45 -7.16 10.28
N LYS B 35 0.06 -6.15 9.58
CA LYS B 35 -0.08 -4.75 9.96
C LYS B 35 -0.22 -3.90 8.68
N LEU B 36 -0.91 -2.78 8.80
CA LEU B 36 -1.13 -1.88 7.68
C LEU B 36 -0.07 -0.81 7.72
N ASN B 37 0.67 -0.64 6.62
CA ASN B 37 1.66 0.45 6.49
C ASN B 37 2.73 0.50 7.60
N GLU B 38 3.16 -0.67 8.06
CA GLU B 38 4.17 -0.78 9.09
C GLU B 38 4.73 -2.20 9.00
N GLU B 39 6.05 -2.32 9.01
CA GLU B 39 6.69 -3.63 8.85
C GLU B 39 6.44 -4.55 10.04
N MET B 40 6.49 -5.86 9.79
CA MET B 40 6.48 -6.84 10.87
C MET B 40 7.91 -6.98 11.36
N GLU B 41 8.13 -6.77 12.66
CA GLU B 41 9.45 -6.93 13.27
C GLU B 41 9.68 -8.40 13.66
N GLY B 42 10.08 -9.21 12.67
CA GLY B 42 10.14 -10.66 12.82
C GLY B 42 8.75 -11.25 13.02
N LEU B 43 8.70 -12.36 13.75
CA LEU B 43 7.46 -13.10 13.93
C LEU B 43 6.63 -12.55 15.09
N GLU B 44 6.34 -11.26 15.06
CA GLU B 44 5.42 -10.67 16.03
C GLU B 44 3.95 -10.99 15.68
N ALA B 45 3.05 -10.82 16.64
CA ALA B 45 1.65 -11.15 16.43
C ALA B 45 1.05 -10.32 15.29
N GLY B 46 1.37 -9.03 15.23
CA GLY B 46 0.71 -8.14 14.26
C GLY B 46 -0.58 -7.56 14.82
N HIS B 47 -1.18 -6.62 14.10
CA HIS B 47 -2.43 -6.03 14.54
C HIS B 47 -3.58 -6.93 14.12
N TRP B 48 -3.49 -7.50 12.91
CA TRP B 48 -4.34 -8.61 12.51
C TRP B 48 -3.58 -9.86 12.94
N SER B 49 -4.23 -10.71 13.76
CA SER B 49 -3.63 -11.92 14.30
C SER B 49 -4.74 -12.91 14.64
N ARG B 50 -4.90 -13.96 13.83
CA ARG B 50 -6.07 -14.83 14.01
C ARG B 50 -5.81 -16.24 13.50
N ASP B 51 -6.21 -17.24 14.29
CA ASP B 51 -6.23 -18.63 13.86
C ASP B 51 -7.55 -18.92 13.13
N ILE B 52 -7.46 -19.58 11.98
CA ILE B 52 -8.62 -20.04 11.20
C ILE B 52 -8.63 -21.57 11.30
N THR B 53 -9.78 -22.15 11.65
CA THR B 53 -9.79 -23.58 12.04
C THR B 53 -10.50 -24.55 11.06
N LYS B 54 -10.97 -24.06 9.93
CA LYS B 54 -11.55 -24.92 8.91
C LYS B 54 -11.45 -24.22 7.58
N PRO B 55 -11.32 -24.99 6.48
CA PRO B 55 -11.31 -24.38 5.17
C PRO B 55 -12.75 -24.13 4.68
N LYS B 56 -12.90 -23.29 3.66
CA LYS B 56 -14.18 -23.13 2.96
C LYS B 56 -13.94 -23.12 1.47
N ASN B 57 -14.61 -24.03 0.75
CA ASN B 57 -14.48 -24.13 -0.71
C ASN B 57 -13.01 -24.27 -1.16
N GLY B 58 -12.28 -25.11 -0.46
CA GLY B 58 -10.88 -25.41 -0.79
C GLY B 58 -9.85 -24.35 -0.42
N ARG B 59 -10.27 -23.33 0.35
CA ARG B 59 -9.33 -22.31 0.83
C ARG B 59 -9.47 -22.06 2.32
N TRP B 60 -8.42 -21.53 2.96
CA TRP B 60 -8.47 -21.05 4.35
C TRP B 60 -8.57 -19.53 4.27
N ILE B 61 -9.57 -18.97 4.94
CA ILE B 61 -9.88 -17.54 4.77
C ILE B 61 -9.87 -16.75 6.09
N PHE B 62 -9.10 -15.66 6.10
CA PHE B 62 -9.12 -14.68 7.18
C PHE B 62 -9.89 -13.43 6.74
N ARG B 63 -10.83 -12.94 7.56
CA ARG B 63 -11.56 -11.70 7.22
C ARG B 63 -11.45 -10.63 8.31
N ASP B 64 -11.14 -9.40 7.91
CA ASP B 64 -11.46 -8.21 8.74
C ASP B 64 -12.46 -7.38 7.95
N ARG B 65 -13.74 -7.55 8.27
CA ARG B 65 -14.81 -6.90 7.50
C ARG B 65 -14.89 -5.38 7.68
N ASN B 66 -14.19 -4.82 8.66
CA ASN B 66 -14.20 -3.38 8.89
C ASN B 66 -12.94 -2.64 8.48
N ALA B 67 -11.97 -3.36 7.89
CA ALA B 67 -10.68 -2.74 7.54
C ALA B 67 -10.90 -1.64 6.52
N ALA B 68 -10.45 -0.44 6.87
CA ALA B 68 -10.50 0.70 5.96
C ALA B 68 -9.20 0.72 5.14
N LEU B 69 -9.28 0.52 3.83
CA LEU B 69 -8.06 0.45 3.00
C LEU B 69 -8.07 1.47 1.84
N LYS B 70 -6.92 2.04 1.53
CA LYS B 70 -6.80 2.98 0.41
C LYS B 70 -5.87 2.40 -0.62
N ILE B 71 -6.07 2.76 -1.88
CA ILE B 71 -5.16 2.33 -2.94
C ILE B 71 -3.77 2.85 -2.59
N GLY B 72 -2.75 2.03 -2.80
CA GLY B 72 -1.38 2.36 -2.41
C GLY B 72 -1.00 1.92 -1.00
N ASP B 73 -1.97 1.66 -0.12
CA ASP B 73 -1.66 1.11 1.21
C ASP B 73 -0.92 -0.22 1.04
N LYS B 74 -0.05 -0.52 2.00
CA LYS B 74 0.70 -1.78 2.03
C LYS B 74 0.40 -2.58 3.30
N ILE B 75 0.37 -3.88 3.12
CA ILE B 75 0.21 -4.80 4.24
C ILE B 75 1.47 -5.66 4.31
N TYR B 76 2.12 -5.62 5.47
CA TYR B 76 3.24 -6.51 5.73
C TYR B 76 2.72 -7.61 6.63
N PHE B 77 3.11 -8.85 6.36
CA PHE B 77 2.46 -10.00 6.99
C PHE B 77 3.30 -11.29 7.00
N TRP B 78 2.90 -12.25 7.83
CA TRP B 78 3.37 -13.61 7.68
C TRP B 78 2.17 -14.50 7.98
N THR B 79 2.21 -15.71 7.43
CA THR B 79 1.16 -16.69 7.66
C THR B 79 1.72 -17.92 8.34
N PHE B 80 0.88 -18.68 9.02
CA PHE B 80 1.28 -19.96 9.57
C PHE B 80 0.26 -21.00 9.10
N VAL B 81 0.73 -22.11 8.49
CA VAL B 81 -0.13 -23.26 8.22
C VAL B 81 0.44 -24.51 8.90
N ILE B 82 -0.46 -25.37 9.38
CA ILE B 82 -0.06 -26.65 9.93
C ILE B 82 -0.44 -27.80 8.98
N LYS B 83 0.57 -28.50 8.46
CA LYS B 83 0.36 -29.63 7.53
C LYS B 83 0.93 -30.91 8.16
N ASP B 84 0.08 -31.91 8.38
CA ASP B 84 0.50 -33.18 9.02
C ASP B 84 1.25 -32.91 10.34
N GLY B 85 0.74 -31.97 11.13
CA GLY B 85 1.35 -31.67 12.43
C GLY B 85 2.57 -30.76 12.39
N LEU B 86 3.03 -30.41 11.20
CA LEU B 86 4.20 -29.55 11.08
C LEU B 86 3.83 -28.16 10.61
N GLY B 87 4.56 -27.15 11.11
CA GLY B 87 4.27 -25.75 10.84
C GLY B 87 5.11 -25.15 9.73
N TYR B 88 4.48 -24.33 8.89
CA TYR B 88 5.17 -23.65 7.80
C TYR B 88 4.69 -22.23 7.70
N ARG B 89 5.56 -21.33 7.25
CA ARG B 89 5.19 -19.92 7.16
C ARG B 89 5.47 -19.39 5.77
N GLN B 90 4.63 -18.48 5.29
CA GLN B 90 5.06 -17.53 4.26
C GLN B 90 5.63 -16.37 5.04
N ASP B 91 6.95 -16.15 4.94
CA ASP B 91 7.65 -15.09 5.66
C ASP B 91 7.76 -13.82 4.82
N ASN B 92 7.94 -12.68 5.47
CA ASN B 92 8.21 -11.41 4.78
C ASN B 92 7.16 -11.05 3.70
N GLY B 93 5.90 -11.36 3.99
CA GLY B 93 4.80 -11.01 3.07
C GLY B 93 4.68 -9.49 2.95
N GLU B 94 4.49 -9.03 1.71
CA GLU B 94 4.31 -7.62 1.39
C GLU B 94 3.28 -7.53 0.28
N TRP B 95 2.24 -6.72 0.45
CA TRP B 95 1.23 -6.60 -0.57
C TRP B 95 0.79 -5.13 -0.64
N THR B 96 0.44 -4.68 -1.85
CA THR B 96 -0.02 -3.31 -2.09
C THR B 96 -1.46 -3.32 -2.60
N VAL B 97 -2.30 -2.45 -2.05
CA VAL B 97 -3.66 -2.33 -2.58
C VAL B 97 -3.61 -1.67 -3.96
N GLU B 98 -4.14 -2.37 -4.96
CA GLU B 98 -4.17 -1.86 -6.35
C GLU B 98 -5.59 -1.61 -6.85
N GLY B 99 -6.58 -2.07 -6.08
CA GLY B 99 -7.98 -1.99 -6.46
C GLY B 99 -8.83 -2.75 -5.45
N PHE B 100 -10.14 -2.69 -5.65
CA PHE B 100 -11.14 -3.26 -4.75
C PHE B 100 -11.96 -4.31 -5.47
N VAL B 101 -12.42 -5.31 -4.71
CA VAL B 101 -13.14 -6.49 -5.21
C VAL B 101 -14.64 -6.33 -5.05
C2 BGC C . 25.68 20.93 -7.81
C2 BGC C . 21.42 21.39 -8.08
C3 BGC C . 24.86 21.29 -9.04
C3 BGC C . 20.05 20.83 -8.40
C4 BGC C . 25.61 22.29 -9.92
C4 BGC C . 19.70 21.11 -9.86
C5 BGC C . 27.03 21.80 -10.21
C5 BGC C . 20.85 20.75 -10.82
C6 BGC C . 27.84 22.81 -11.00
C6 BGC C . 20.55 21.19 -12.25
C1 BGC C . 27.12 20.57 -8.20
C1 BGC C . 22.46 20.95 -9.12
O1 BGC C . 27.86 20.36 -7.03
O1 BGC C . 23.72 21.54 -8.82
O2 BGC C . 25.09 19.82 -7.15
O2 BGC C . 21.82 20.99 -6.79
O3 BGC C . 23.66 21.93 -8.64
O3 BGC C . 19.09 21.43 -7.55
O4 BGC C . 24.78 22.52 -11.06
O4 BGC C . 18.54 20.41 -10.20
O5 BGC C . 27.72 21.57 -8.98
O5 BGC C . 22.07 21.34 -10.42
O6 BGC C . 28.86 22.13 -11.72
O6 BGC C . 21.49 20.58 -13.12
C2 BGC C . 21.34 21.56 -8.06
C2 BGC C . 17.73 21.37 -5.59
C3 BGC C . 20.02 20.88 -8.43
C3 BGC C . 16.79 20.55 -4.74
C4 BGC C . 19.72 21.10 -9.92
C4 BGC C . 16.06 19.51 -5.57
C5 BGC C . 20.92 20.77 -10.83
C5 BGC C . 17.09 18.66 -6.32
C6 BGC C . 20.69 21.19 -12.28
C6 BGC C . 16.42 17.57 -7.16
C1 BGC C . 22.48 21.19 -9.03
C1 BGC C . 18.56 20.53 -6.56
O2 BGC C . 21.70 21.19 -6.75
O2 BGC C . 18.58 22.05 -4.69
O3 BGC C . 18.95 21.40 -7.64
O3 BGC C . 15.85 21.46 -4.18
O4 BGC C . 18.57 20.34 -10.26
O4 BGC C . 15.28 18.69 -4.73
O5 BGC C . 22.11 21.39 -10.39
O5 BGC C . 17.79 19.52 -7.18
O6 BGC C . 21.66 20.55 -13.10
O6 BGC C . 17.41 16.66 -7.66
C2 BGC C . 17.68 21.33 -5.64
C2 BGC C . 15.45 22.78 -2.24
C3 BGC C . 16.73 20.52 -4.78
C3 BGC C . 15.22 22.77 -0.74
C4 BGC C . 15.95 19.49 -5.60
C4 BGC C . 14.32 21.60 -0.39
C5 BGC C . 16.92 18.63 -6.42
C5 BGC C . 14.97 20.31 -0.88
C6 BGC C . 16.22 17.63 -7.32
C6 BGC C . 14.15 19.08 -0.49
C1 BGC C . 18.46 20.49 -6.65
C1 BGC C . 15.91 21.42 -2.75
O2 BGC C . 18.56 21.99 -4.75
O2 BGC C . 16.45 23.73 -2.54
O3 BGC C . 15.83 21.44 -4.19
O3 BGC C . 14.57 23.97 -0.35
O4 BGC C . 15.19 18.67 -4.74
O4 BGC C . 14.10 21.53 1.00
O5 BGC C . 17.65 19.50 -7.26
O5 BGC C . 15.07 20.38 -2.29
O6 BGC C . 17.15 16.66 -7.80
O6 BGC C . 12.89 19.11 -1.13
C2 BGC C . 15.39 22.75 -2.27
C2 BGC C . 14.90 26.31 0.10
C3 BGC C . 15.19 22.75 -0.75
C3 BGC C . 15.64 27.37 0.91
C4 BGC C . 14.30 21.58 -0.37
C4 BGC C . 15.94 26.86 2.31
C5 BGC C . 14.93 20.27 -0.86
C5 BGC C . 16.55 25.46 2.26
C6 BGC C . 14.11 19.03 -0.48
C6 BGC C . 16.76 24.95 3.68
C1 BGC C . 15.87 21.39 -2.75
C1 BGC C . 15.50 24.90 0.24
O2 BGC C . 16.33 23.72 -2.64
O2 BGC C . 14.90 26.69 -1.26
O3 BGC C . 14.56 23.96 -0.33
O3 BGC C . 14.75 28.47 1.01
O4 BGC C . 14.10 21.54 1.03
O4 BGC C . 16.82 27.71 3.01
O5 BGC C . 15.06 20.34 -2.26
O5 BGC C . 15.66 24.60 1.60
O6 BGC C . 12.83 19.05 -1.11
O6 BGC C . 17.25 23.62 3.62
C2 BGC C . 14.89 26.29 0.14
C2 BGC C . 14.24 30.76 0.47
C3 BGC C . 15.65 27.34 0.95
C3 BGC C . 14.80 32.18 0.30
C4 BGC C . 15.94 26.84 2.38
C4 BGC C . 15.80 32.43 1.41
C5 BGC C . 16.49 25.42 2.38
C5 BGC C . 16.89 31.34 1.40
C6 BGC C . 16.56 24.89 3.82
C6 BGC C . 17.90 31.60 2.51
C1 BGC C . 15.47 24.88 0.29
C1 BGC C . 15.35 29.71 0.62
O2 BGC C . 14.86 26.67 -1.21
O2 BGC C . 13.40 30.46 -0.62
O3 BGC C . 14.81 28.47 1.01
O3 BGC C . 13.75 33.14 0.34
O4 BGC C . 16.84 27.70 3.05
O4 BGC C . 16.42 33.68 1.25
O5 BGC C . 15.63 24.57 1.65
O5 BGC C . 16.27 30.09 1.61
O6 BGC C . 17.11 23.59 3.81
O6 BGC C . 18.95 30.66 2.44
C2 BGC C . 14.38 30.74 0.29
C2 BGC C . 12.13 34.21 -1.08
C3 BGC C . 14.99 32.13 0.09
C3 BGC C . 11.88 34.99 -2.39
C4 BGC C . 15.86 32.50 1.29
C4 BGC C . 12.88 36.13 -2.42
C5 BGC C . 16.88 31.39 1.58
C5 BGC C . 14.26 35.50 -2.42
C6 BGC C . 17.65 31.69 2.87
C6 BGC C . 15.32 36.57 -2.67
C1 BGC C . 15.45 29.70 0.64
C1 BGC C . 13.58 33.77 -0.96
O2 BGC C . 13.66 30.38 -0.87
O2 BGC C . 11.31 33.07 -1.05
O3 BGC C . 13.96 33.08 -0.08
O3 BGC C . 10.54 35.46 -2.50
O4 BGC C . 16.56 33.69 1.04
O4 BGC C . 12.68 36.92 -3.57
O5 BGC C . 16.22 30.14 1.74
O5 BGC C . 14.49 34.85 -1.18
O6 BGC C . 18.73 30.80 2.98
O6 BGC C . 15.30 37.46 -1.58
C2 BGC D . 11.33 -24.16 21.00
C2 BGC D . 8.78 -21.00 19.60
C3 BGC D . 11.69 -22.69 20.81
C3 BGC D . 8.33 -20.13 18.43
C4 BGC D . 12.69 -22.23 21.88
C4 BGC D . 9.25 -18.90 18.34
C5 BGC D . 13.88 -23.20 21.94
C5 BGC D . 10.73 -19.28 18.40
C6 BGC D . 14.85 -22.79 23.03
C6 BGC D . 11.61 -18.02 18.47
C1 BGC D . 12.57 -25.00 21.19
C1 BGC D . 10.28 -21.27 19.53
O1 BGC D . 12.14 -26.31 21.47
O1 BGC D . 10.68 -21.98 20.66
O2 BGC D . 10.63 -24.61 19.88
O2 BGC D . 8.05 -22.20 19.55
O3 BGC D . 10.52 -21.90 20.92
O3 BGC D . 7.01 -19.72 18.69
O4 BGC D . 13.10 -20.90 21.61
O4 BGC D . 8.99 -18.22 17.12
O5 BGC D . 13.38 -24.49 22.24
O5 BGC D . 10.98 -20.06 19.53
O6 BGC D . 16.05 -23.53 22.91
O6 BGC D . 12.95 -18.39 18.20
C2 BGC D . 8.73 -20.96 19.65
C2 BGC D . 4.69 -19.94 18.36
C3 BGC D . 8.34 -20.13 18.42
C3 BGC D . 3.54 -20.17 17.40
C4 BGC D . 9.27 -18.91 18.30
C4 BGC D . 3.86 -19.56 16.03
C5 BGC D . 10.75 -19.31 18.39
C5 BGC D . 5.23 -20.06 15.58
C6 BGC D . 11.65 -18.08 18.45
C6 BGC D . 5.60 -19.47 14.22
C1 BGC D . 10.23 -21.25 19.68
C1 BGC D . 6.06 -20.25 17.76
O2 BGC D . 8.00 -22.16 19.62
O2 BGC D . 4.54 -20.74 19.50
O3 BGC D . 7.01 -19.69 18.60
O3 BGC D . 2.40 -19.55 17.94
O4 BGC D . 9.01 -18.25 17.08
O4 BGC D . 2.89 -19.92 15.08
O5 BGC D . 10.99 -20.07 19.55
O5 BGC D . 6.19 -19.63 16.51
O6 BGC D . 12.98 -18.47 18.19
O6 BGC D . 6.65 -20.24 13.66
C2 BGC D . 4.69 -19.94 18.28
C2 BGC D . 0.42 -19.94 19.19
C3 BGC D . 3.54 -20.15 17.30
C3 BGC D . -0.88 -20.73 19.28
C4 BGC D . 3.84 -19.51 15.93
C4 BGC D . -1.48 -20.83 17.87
C5 BGC D . 5.22 -20.00 15.46
C5 BGC D . -0.48 -21.45 16.91
C6 BGC D . 5.63 -19.36 14.14
C6 BGC D . -1.03 -21.56 15.50
C1 BGC D . 6.07 -20.24 17.67
C1 BGC D . 1.33 -20.48 18.08
O2 BGC D . 4.52 -20.76 19.42
O2 BGC D . 1.10 -19.99 20.43
O3 BGC D . 2.40 -19.55 17.87
O3 BGC D . -1.78 -20.04 20.13
O4 BGC D . 2.84 -19.84 14.99
O4 BGC D . -2.66 -21.59 17.89
O5 BGC D . 6.19 -19.63 16.41
O5 BGC D . 0.63 -20.60 16.85
O6 BGC D . 6.79 -20.03 13.66
O6 BGC D . -1.28 -20.28 14.98
C2 BGC D . 0.44 -19.92 19.16
C2 BGC D . -2.27 -19.61 22.43
C3 BGC D . -0.89 -20.69 19.27
C3 BGC D . -2.64 -20.14 23.80
C4 BGC D . -1.52 -20.79 17.88
C4 BGC D . -3.47 -21.41 23.67
C5 BGC D . -0.55 -21.42 16.88
C5 BGC D . -2.91 -22.39 22.64
C6 BGC D . -1.11 -21.55 15.47
C6 BGC D . -3.85 -23.58 22.51
C1 BGC D . 1.32 -20.47 18.03
C1 BGC D . -1.86 -20.67 21.41
O2 BGC D . 1.15 -19.97 20.38
O2 BGC D . -1.28 -18.60 22.55
O3 BGC D . -1.77 -20.01 20.14
O3 BGC D . -3.42 -19.13 24.42
O4 BGC D . -2.72 -21.52 17.93
O4 BGC D . -3.62 -22.08 24.92
O5 BGC D . 0.60 -20.61 16.81
O5 BGC D . -2.80 -21.73 21.39
O6 BGC D . -1.36 -20.28 14.91
O6 BGC D . -3.36 -24.47 21.53
C2 BGC D . -2.31 -19.65 22.45
C2 BGC D . -3.68 -17.55 26.23
C3 BGC D . -2.69 -20.24 23.81
C3 BGC D . -3.51 -17.28 27.73
C4 BGC D . -3.57 -21.49 23.64
C4 BGC D . -3.80 -18.54 28.54
C5 BGC D . -3.06 -22.44 22.55
C5 BGC D . -2.98 -19.69 27.96
C6 BGC D . -4.06 -23.57 22.31
C6 BGC D . -3.12 -20.99 28.75
C1 BGC D . -1.91 -20.70 21.41
C1 BGC D . -3.01 -18.86 25.77
O2 BGC D . -1.30 -18.67 22.61
O2 BGC D . -3.09 -16.49 25.52
O3 BGC D . -3.42 -19.22 24.48
O3 BGC D . -4.33 -16.18 28.15
O4 BGC D . -3.70 -22.19 24.88
O4 BGC D . -3.46 -18.31 29.89
O5 BGC D . -2.87 -21.73 21.33
O5 BGC D . -3.35 -19.94 26.62
O6 BGC D . -3.47 -24.54 21.47
O6 BGC D . -2.00 -21.81 28.46
C2 BGC D . -3.57 -17.63 26.27
C2 BGC D . -4.32 -13.75 28.21
C3 BGC D . -3.30 -17.37 27.76
C3 BGC D . -3.60 -12.49 28.72
C4 BGC D . -3.72 -18.56 28.61
C4 BGC D . -3.18 -12.73 30.15
C5 BGC D . -3.12 -19.87 28.08
C5 BGC D . -2.26 -13.93 30.14
C6 BGC D . -3.72 -21.09 28.78
C6 BGC D . -1.62 -14.11 31.51
C1 BGC D . -2.98 -18.97 25.82
C1 BGC D . -3.51 -15.02 28.46
O2 BGC D . -3.01 -16.60 25.52
O2 BGC D . -4.58 -13.62 26.84
O3 BGC D . -3.94 -16.18 28.20
O3 BGC D . -4.43 -11.36 28.68
O4 BGC D . -3.30 -18.33 29.95
O4 BGC D . -2.48 -11.62 30.66
O5 BGC D . -3.36 -20.04 26.68
O5 BGC D . -2.99 -15.08 29.78
O6 BGC D . -2.98 -22.23 28.39
O6 BGC D . -2.69 -14.18 32.43
C1 GOL E . 5.17 -18.19 -0.42
O1 GOL E . 4.60 -19.38 -0.93
C2 GOL E . 6.63 -18.43 -0.08
O2 GOL E . 7.05 -17.37 0.77
C3 GOL E . 6.89 -19.86 0.48
O3 GOL E . 6.96 -19.96 1.88
#